data_7TV0
#
_entry.id   7TV0
#
_cell.length_a   49.320
_cell.length_b   96.220
_cell.length_c   78.950
_cell.angle_alpha   90.000
_cell.angle_beta   94.370
_cell.angle_gamma   90.000
#
_symmetry.space_group_name_H-M   'P 1 21 1'
#
loop_
_entity.id
_entity.type
_entity.pdbx_description
1 polymer 'Bromodomain-containing protein 4'
2 polymer 'Envelope small membrane protein'
3 water water
#
loop_
_entity_poly.entity_id
_entity_poly.type
_entity_poly.pdbx_seq_one_letter_code
_entity_poly.pdbx_strand_id
1 'polypeptide(L)'
;STNPPPPETSNPNKPKRQTNQLQYLLRVVLKTLWKHQFAWPFQQPVDAVKLNLPDYYKIIKTPMDMGTIKKRLENNYYWN
AQECIQDFNTMFTNCYIYNKPGDDIVLMAEALEKLFLQKINELPTEETEIMIVQAKGRG
;
A,B,C,D
2 'polypeptide(L)' (ALY)PSFYVYSRV(ALY)N E,G
#
# COMPACT_ATOMS: atom_id res chain seq x y z
N ASN A 3 -5.12 -21.79 -24.56
N ASN A 3 -5.01 -21.82 -24.71
CA ASN A 3 -4.66 -20.44 -24.24
CA ASN A 3 -4.69 -20.47 -24.24
C ASN A 3 -5.12 -19.42 -25.27
C ASN A 3 -5.11 -19.42 -25.27
N PRO A 4 -5.72 -18.33 -24.81
CA PRO A 4 -6.14 -17.27 -25.72
C PRO A 4 -4.95 -16.53 -26.28
N PRO A 5 -5.09 -15.90 -27.45
CA PRO A 5 -3.97 -15.16 -28.01
C PRO A 5 -3.64 -13.94 -27.17
N PRO A 6 -2.38 -13.52 -27.13
CA PRO A 6 -2.01 -12.32 -26.38
C PRO A 6 -2.65 -11.08 -27.00
N PRO A 7 -2.85 -10.03 -26.22
CA PRO A 7 -3.41 -8.79 -26.78
C PRO A 7 -2.50 -8.24 -27.87
N GLU A 8 -3.12 -7.64 -28.88
CA GLU A 8 -2.37 -7.11 -30.02
C GLU A 8 -1.40 -6.03 -29.57
N THR A 9 -0.27 -5.96 -30.28
CA THR A 9 0.72 -4.91 -30.06
C THR A 9 0.86 -3.98 -31.25
N SER A 10 0.10 -4.22 -32.32
CA SER A 10 0.13 -3.36 -33.50
C SER A 10 -1.18 -3.56 -34.26
N ASN A 11 -1.65 -2.48 -34.88
CA ASN A 11 -2.90 -2.52 -35.61
C ASN A 11 -2.79 -1.69 -36.89
N PRO A 12 -2.95 -2.31 -38.06
CA PRO A 12 -2.85 -1.54 -39.31
C PRO A 12 -3.95 -0.50 -39.47
N ASN A 13 -5.08 -0.67 -38.80
CA ASN A 13 -6.16 0.31 -38.84
C ASN A 13 -5.99 1.41 -37.81
N LYS A 14 -5.08 1.26 -36.86
CA LYS A 14 -4.83 2.27 -35.85
C LYS A 14 -3.61 3.12 -36.22
N PRO A 15 -3.64 4.40 -35.87
CA PRO A 15 -2.44 5.23 -36.06
C PRO A 15 -1.37 4.86 -35.04
N LYS A 16 -0.16 5.38 -35.28
CA LYS A 16 0.97 5.15 -34.39
C LYS A 16 1.44 6.50 -33.85
N ARG A 17 1.40 6.67 -32.53
CA ARG A 17 1.75 7.93 -31.91
C ARG A 17 2.84 7.73 -30.87
N GLN A 18 3.71 8.74 -30.76
CA GLN A 18 4.75 8.78 -29.74
C GLN A 18 4.81 10.19 -29.19
N THR A 19 4.66 10.31 -27.87
CA THR A 19 4.77 11.57 -27.15
C THR A 19 5.88 11.47 -26.11
N ASN A 20 6.13 12.59 -25.43
CA ASN A 20 7.16 12.60 -24.39
C ASN A 20 6.76 11.74 -23.20
N GLN A 21 5.46 11.67 -22.89
CA GLN A 21 5.03 10.90 -21.72
C GLN A 21 5.11 9.41 -21.98
N LEU A 22 4.78 8.95 -23.18
CA LEU A 22 4.95 7.54 -23.51
C LEU A 22 6.43 7.17 -23.55
N GLN A 23 7.26 8.07 -24.07
CA GLN A 23 8.71 7.86 -24.05
C GLN A 23 9.22 7.73 -22.62
N TYR A 24 8.71 8.57 -21.72
CA TYR A 24 9.08 8.46 -20.31
C TYR A 24 8.61 7.14 -19.72
N LEU A 25 7.37 6.75 -20.01
CA LEU A 25 6.82 5.50 -19.47
C LEU A 25 7.67 4.31 -19.91
N LEU A 26 8.18 4.35 -21.15
CA LEU A 26 9.02 3.25 -21.61
C LEU A 26 10.42 3.31 -21.01
N ARG A 27 11.02 4.50 -20.96
CA ARG A 27 12.42 4.61 -20.57
C ARG A 27 12.64 4.70 -19.06
N VAL A 28 11.61 5.03 -18.29
CA VAL A 28 11.78 5.19 -16.84
C VAL A 28 10.87 4.23 -16.10
N VAL A 29 9.56 4.35 -16.33
CA VAL A 29 8.59 3.59 -15.54
C VAL A 29 8.70 2.10 -15.84
N LEU A 30 8.51 1.73 -17.11
CA LEU A 30 8.61 0.33 -17.48
C LEU A 30 10.01 -0.21 -17.24
N LYS A 31 11.03 0.63 -17.46
CA LYS A 31 12.39 0.23 -17.18
C LYS A 31 12.57 -0.15 -15.71
N THR A 32 12.08 0.69 -14.80
CA THR A 32 12.31 0.45 -13.38
C THR A 32 11.40 -0.63 -12.82
N LEU A 33 10.21 -0.84 -13.42
CA LEU A 33 9.34 -1.92 -12.98
C LEU A 33 9.75 -3.27 -13.58
N TRP A 34 10.50 -3.25 -14.69
CA TRP A 34 10.91 -4.50 -15.31
C TRP A 34 12.02 -5.19 -14.50
N LYS A 35 12.91 -4.40 -13.90
CA LYS A 35 14.01 -4.95 -13.11
C LYS A 35 13.66 -5.12 -11.65
N HIS A 36 12.41 -4.87 -11.27
CA HIS A 36 11.98 -5.11 -9.89
C HIS A 36 12.02 -6.59 -9.57
N GLN A 37 12.25 -6.91 -8.29
CA GLN A 37 12.38 -8.30 -7.88
C GLN A 37 11.08 -9.07 -8.07
N PHE A 38 9.94 -8.40 -7.97
CA PHE A 38 8.63 -9.02 -8.10
C PHE A 38 8.07 -8.91 -9.51
N ALA A 39 8.93 -8.63 -10.50
CA ALA A 39 8.45 -8.35 -11.85
C ALA A 39 8.18 -9.61 -12.66
N TRP A 40 8.75 -10.75 -12.29
CA TRP A 40 8.69 -11.92 -13.14
C TRP A 40 7.28 -12.48 -13.37
N PRO A 41 6.36 -12.52 -12.39
CA PRO A 41 5.03 -13.07 -12.68
C PRO A 41 4.18 -12.21 -13.60
N PHE A 42 4.61 -10.98 -13.89
CA PHE A 42 3.86 -10.06 -14.72
C PHE A 42 4.59 -9.67 -15.99
N GLN A 43 5.68 -10.36 -16.33
CA GLN A 43 6.43 -10.09 -17.55
C GLN A 43 5.92 -10.88 -18.74
N GLN A 44 5.11 -11.92 -18.51
CA GLN A 44 4.52 -12.74 -19.55
C GLN A 44 3.01 -12.74 -19.42
N PRO A 45 2.29 -13.05 -20.49
CA PRO A 45 0.86 -13.35 -20.35
C PRO A 45 0.67 -14.56 -19.46
N VAL A 46 -0.44 -14.58 -18.72
CA VAL A 46 -0.73 -15.68 -17.82
C VAL A 46 -1.04 -16.93 -18.64
N ASP A 47 -0.23 -17.97 -18.45
CA ASP A 47 -0.40 -19.23 -19.18
C ASP A 47 -1.39 -20.10 -18.39
N ALA A 48 -2.67 -19.80 -18.58
CA ALA A 48 -3.72 -20.44 -17.79
C ALA A 48 -3.79 -21.95 -18.02
N VAL A 49 -3.43 -22.40 -19.23
CA VAL A 49 -3.36 -23.84 -19.50
C VAL A 49 -2.30 -24.46 -18.61
N LYS A 50 -1.17 -23.80 -18.48
CA LYS A 50 0.02 -24.43 -17.97
C LYS A 50 0.01 -24.44 -16.46
N LEU A 51 -0.73 -23.49 -15.88
CA LEU A 51 -0.76 -23.23 -14.45
C LEU A 51 -2.00 -23.80 -13.79
N ASN A 52 -2.70 -24.73 -14.44
CA ASN A 52 -3.87 -25.38 -13.83
C ASN A 52 -4.99 -24.39 -13.53
N LEU A 53 -5.12 -23.33 -14.33
CA LEU A 53 -6.10 -22.26 -14.09
C LEU A 53 -7.05 -22.20 -15.28
N PRO A 54 -8.05 -23.08 -15.32
CA PRO A 54 -8.91 -23.13 -16.51
C PRO A 54 -9.92 -22.00 -16.58
N ASP A 55 -10.32 -21.45 -15.42
N ASP A 55 -10.29 -21.46 -15.41
CA ASP A 55 -11.33 -20.41 -15.39
CA ASP A 55 -11.31 -20.41 -15.29
C ASP A 55 -10.74 -19.00 -15.38
C ASP A 55 -10.75 -19.01 -15.39
N TYR A 56 -9.43 -18.86 -15.62
CA TYR A 56 -8.80 -17.55 -15.55
C TYR A 56 -9.46 -16.55 -16.51
N TYR A 57 -9.58 -16.91 -17.78
CA TYR A 57 -10.10 -15.97 -18.76
C TYR A 57 -11.61 -15.84 -18.74
N LYS A 58 -12.32 -16.65 -17.94
CA LYS A 58 -13.72 -16.38 -17.62
C LYS A 58 -13.84 -15.13 -16.78
N ILE A 59 -12.77 -14.80 -16.05
CA ILE A 59 -12.80 -13.82 -14.99
C ILE A 59 -11.97 -12.59 -15.33
N ILE A 60 -10.86 -12.77 -16.01
CA ILE A 60 -10.05 -11.67 -16.54
C ILE A 60 -10.46 -11.49 -18.00
N LYS A 61 -11.34 -10.52 -18.25
CA LYS A 61 -11.79 -10.25 -19.60
C LYS A 61 -10.83 -9.36 -20.37
N THR A 62 -9.87 -8.72 -19.70
CA THR A 62 -8.83 -7.93 -20.36
C THR A 62 -7.50 -8.34 -19.73
N PRO A 63 -6.86 -9.36 -20.25
CA PRO A 63 -5.53 -9.73 -19.75
C PRO A 63 -4.49 -8.71 -20.18
N MET A 64 -3.46 -8.57 -19.34
CA MET A 64 -2.41 -7.59 -19.60
C MET A 64 -1.14 -8.01 -18.89
N ASP A 65 0.00 -7.73 -19.51
CA ASP A 65 1.28 -8.08 -18.93
C ASP A 65 2.32 -7.05 -19.36
N MET A 66 3.45 -7.06 -18.66
CA MET A 66 4.50 -6.08 -18.95
C MET A 66 5.15 -6.32 -20.31
N GLY A 67 5.13 -7.56 -20.81
CA GLY A 67 5.64 -7.80 -22.14
C GLY A 67 4.80 -7.15 -23.21
N THR A 68 3.47 -7.28 -23.09
CA THR A 68 2.57 -6.68 -24.08
C THR A 68 2.68 -5.17 -24.05
N ILE A 69 2.74 -4.59 -22.85
CA ILE A 69 2.90 -3.16 -22.71
C ILE A 69 4.24 -2.71 -23.28
N LYS A 70 5.29 -3.47 -23.01
CA LYS A 70 6.61 -3.15 -23.52
C LYS A 70 6.60 -3.11 -25.04
N LYS A 71 6.03 -4.13 -25.67
CA LYS A 71 6.04 -4.17 -27.12
C LYS A 71 5.07 -3.17 -27.73
N ARG A 72 4.01 -2.81 -27.00
CA ARG A 72 3.12 -1.74 -27.45
C ARG A 72 3.85 -0.40 -27.44
N LEU A 73 4.64 -0.15 -26.40
CA LEU A 73 5.40 1.10 -26.33
C LEU A 73 6.51 1.13 -27.36
N GLU A 74 7.12 -0.03 -27.66
CA GLU A 74 8.21 -0.06 -28.62
C GLU A 74 7.72 0.25 -30.03
N ASN A 75 6.55 -0.27 -30.40
N ASN A 75 6.56 -0.27 -30.43
CA ASN A 75 5.96 -0.09 -31.71
CA ASN A 75 6.05 -0.02 -31.76
C ASN A 75 5.10 1.17 -31.82
C ASN A 75 5.07 1.16 -31.80
N ASN A 76 5.04 1.97 -30.75
CA ASN A 76 4.20 3.19 -30.71
C ASN A 76 2.73 2.87 -30.96
N TYR A 77 2.25 1.77 -30.35
CA TYR A 77 0.87 1.34 -30.56
C TYR A 77 -0.13 2.26 -29.86
N TYR A 78 0.26 2.85 -28.75
CA TYR A 78 -0.66 3.69 -27.99
C TYR A 78 -0.93 5.01 -28.70
N TRP A 79 -1.97 5.70 -28.27
CA TRP A 79 -2.26 7.04 -28.75
C TRP A 79 -1.68 8.10 -27.81
N ASN A 80 -1.88 7.95 -26.51
CA ASN A 80 -1.31 8.85 -25.51
C ASN A 80 -0.90 8.01 -24.30
N ALA A 81 -0.46 8.69 -23.24
CA ALA A 81 0.02 8.01 -22.04
C ALA A 81 -1.10 7.42 -21.19
N GLN A 82 -2.31 7.98 -21.27
CA GLN A 82 -3.38 7.54 -20.40
C GLN A 82 -3.72 6.06 -20.61
N GLU A 83 -3.75 5.60 -21.86
CA GLU A 83 -4.10 4.20 -22.08
C GLU A 83 -2.97 3.24 -21.72
N CYS A 84 -1.71 3.69 -21.78
CA CYS A 84 -0.62 2.86 -21.27
C CYS A 84 -0.69 2.74 -19.75
N ILE A 85 -0.94 3.86 -19.06
CA ILE A 85 -1.18 3.80 -17.63
C ILE A 85 -2.37 2.91 -17.31
N GLN A 86 -3.40 2.95 -18.17
CA GLN A 86 -4.55 2.07 -18.00
C GLN A 86 -4.17 0.61 -18.16
N ASP A 87 -3.24 0.31 -19.08
CA ASP A 87 -2.77 -1.06 -19.23
C ASP A 87 -2.06 -1.54 -17.97
N PHE A 88 -1.18 -0.71 -17.42
CA PHE A 88 -0.53 -1.07 -16.16
C PHE A 88 -1.56 -1.32 -15.05
N ASN A 89 -2.50 -0.38 -14.90
CA ASN A 89 -3.53 -0.52 -13.87
C ASN A 89 -4.39 -1.76 -14.10
N THR A 90 -4.64 -2.10 -15.37
CA THR A 90 -5.40 -3.29 -15.68
C THR A 90 -4.65 -4.55 -15.28
N MET A 91 -3.34 -4.58 -15.50
CA MET A 91 -2.53 -5.70 -15.02
C MET A 91 -2.67 -5.87 -13.51
N PHE A 92 -2.48 -4.76 -12.76
CA PHE A 92 -2.59 -4.84 -11.31
C PHE A 92 -3.97 -5.31 -10.87
N THR A 93 -5.02 -4.73 -11.46
CA THR A 93 -6.38 -5.08 -11.05
C THR A 93 -6.76 -6.50 -11.47
N ASN A 94 -6.22 -6.98 -12.58
CA ASN A 94 -6.41 -8.38 -12.95
C ASN A 94 -5.83 -9.30 -11.88
N CYS A 95 -4.61 -9.00 -11.45
CA CYS A 95 -4.03 -9.78 -10.35
C CYS A 95 -4.90 -9.70 -9.10
N TYR A 96 -5.44 -8.53 -8.79
CA TYR A 96 -6.21 -8.35 -7.56
C TYR A 96 -7.51 -9.16 -7.62
N ILE A 97 -8.34 -8.89 -8.63
CA ILE A 97 -9.60 -9.60 -8.81
C ILE A 97 -9.39 -11.12 -8.89
N TYR A 98 -8.36 -11.57 -9.62
CA TYR A 98 -8.23 -13.02 -9.77
C TYR A 98 -7.84 -13.69 -8.47
N ASN A 99 -6.95 -13.07 -7.69
CA ASN A 99 -6.38 -13.73 -6.52
C ASN A 99 -7.00 -13.16 -5.24
N LYS A 100 -6.43 -13.57 -4.10
CA LYS A 100 -6.94 -13.23 -2.77
C LYS A 100 -6.04 -12.19 -2.10
N PRO A 101 -6.62 -11.29 -1.29
CA PRO A 101 -5.85 -10.14 -0.80
C PRO A 101 -4.65 -10.49 0.08
N GLY A 102 -4.57 -11.71 0.59
CA GLY A 102 -3.42 -12.15 1.36
C GLY A 102 -2.42 -12.98 0.60
N ASP A 103 -2.67 -13.25 -0.68
CA ASP A 103 -1.76 -14.08 -1.46
C ASP A 103 -0.47 -13.33 -1.76
N ASP A 104 0.62 -14.09 -1.91
CA ASP A 104 1.92 -13.50 -2.15
C ASP A 104 1.94 -12.71 -3.46
N ILE A 105 1.26 -13.21 -4.48
CA ILE A 105 1.27 -12.51 -5.77
C ILE A 105 0.53 -11.18 -5.66
N VAL A 106 -0.51 -11.11 -4.83
CA VAL A 106 -1.22 -9.85 -4.65
C VAL A 106 -0.32 -8.84 -3.95
N LEU A 107 0.46 -9.28 -2.96
CA LEU A 107 1.40 -8.38 -2.29
C LEU A 107 2.49 -7.91 -3.26
N MET A 108 2.95 -8.81 -4.13
CA MET A 108 3.95 -8.43 -5.13
C MET A 108 3.37 -7.39 -6.08
N ALA A 109 2.14 -7.61 -6.55
CA ALA A 109 1.49 -6.64 -7.43
C ALA A 109 1.25 -5.32 -6.71
N GLU A 110 0.98 -5.36 -5.40
CA GLU A 110 0.78 -4.13 -4.66
C GLU A 110 2.07 -3.34 -4.55
N ALA A 111 3.19 -4.02 -4.29
CA ALA A 111 4.48 -3.34 -4.28
C ALA A 111 4.79 -2.74 -5.64
N LEU A 112 4.55 -3.51 -6.71
CA LEU A 112 4.77 -3.01 -8.06
C LEU A 112 3.90 -1.80 -8.35
N GLU A 113 2.65 -1.82 -7.88
CA GLU A 113 1.76 -0.70 -8.13
C GLU A 113 2.17 0.55 -7.35
N LYS A 114 2.67 0.37 -6.13
CA LYS A 114 3.17 1.50 -5.36
C LYS A 114 4.36 2.15 -6.07
N LEU A 115 5.33 1.32 -6.50
CA LEU A 115 6.45 1.86 -7.25
C LEU A 115 5.99 2.54 -8.53
N PHE A 116 5.02 1.93 -9.23
CA PHE A 116 4.52 2.49 -10.47
C PHE A 116 3.85 3.84 -10.23
N LEU A 117 3.08 3.95 -9.14
CA LEU A 117 2.42 5.22 -8.85
C LEU A 117 3.43 6.30 -8.51
N GLN A 118 4.50 5.95 -7.80
CA GLN A 118 5.57 6.93 -7.58
C GLN A 118 6.18 7.38 -8.90
N LYS A 119 6.56 6.42 -9.75
CA LYS A 119 7.23 6.76 -11.00
C LYS A 119 6.35 7.61 -11.89
N ILE A 120 5.05 7.29 -11.96
CA ILE A 120 4.15 8.12 -12.77
C ILE A 120 3.82 9.44 -12.10
N ASN A 121 3.98 9.54 -10.78
CA ASN A 121 3.95 10.86 -10.15
C ASN A 121 5.13 11.69 -10.60
N GLU A 122 6.23 11.03 -10.98
CA GLU A 122 7.37 11.72 -11.57
C GLU A 122 7.24 11.90 -13.08
N LEU A 123 5.97 11.99 -13.64
CA LEU A 123 5.71 12.12 -15.07
C LEU A 123 5.72 13.58 -15.51
N PRO A 124 6.17 13.86 -16.73
CA PRO A 124 6.04 15.22 -17.27
C PRO A 124 4.57 15.61 -17.38
N THR A 125 4.26 16.81 -16.89
CA THR A 125 2.86 17.24 -16.82
C THR A 125 2.30 17.58 -18.19
N GLU A 126 3.09 18.24 -19.02
CA GLU A 126 2.64 18.68 -20.34
C GLU A 126 3.02 17.65 -21.39
N GLU A 127 2.02 17.14 -22.11
CA GLU A 127 2.28 16.16 -23.16
C GLU A 127 2.63 16.87 -24.47
N THR A 128 3.76 16.48 -25.06
CA THR A 128 4.21 17.02 -26.32
C THR A 128 4.32 15.88 -27.34
N GLU A 129 3.67 16.05 -28.48
CA GLU A 129 3.70 15.03 -29.52
C GLU A 129 5.07 14.99 -30.18
N ILE A 130 5.67 13.80 -30.24
CA ILE A 130 6.95 13.61 -30.90
C ILE A 130 6.78 13.11 -32.32
N MET A 131 5.82 12.20 -32.53
CA MET A 131 5.64 11.60 -33.85
C MET A 131 4.21 11.08 -33.96
N ILE A 132 3.63 11.19 -35.16
CA ILE A 132 2.32 10.62 -35.45
C ILE A 132 2.33 10.09 -36.88
N VAL A 133 1.78 8.89 -37.06
CA VAL A 133 1.63 8.26 -38.36
C VAL A 133 0.18 7.82 -38.50
N GLN A 134 -0.46 8.25 -39.58
CA GLN A 134 -1.83 7.87 -39.86
C GLN A 134 -1.93 6.35 -40.08
N ALA A 135 -3.16 5.85 -40.05
CA ALA A 135 -3.40 4.44 -40.32
C ALA A 135 -3.07 4.10 -41.77
N LYS A 136 -2.56 2.89 -41.97
CA LYS A 136 -2.18 2.43 -43.29
C LYS A 136 -3.40 1.93 -44.06
N SER B 1 32.16 -4.85 14.98
CA SER B 1 31.14 -4.41 15.91
C SER B 1 30.41 -5.59 16.55
N THR B 2 30.58 -5.74 17.86
CA THR B 2 29.90 -6.82 18.57
C THR B 2 28.39 -6.56 18.63
N ASN B 3 27.64 -7.63 18.88
CA ASN B 3 26.19 -7.50 18.94
C ASN B 3 25.76 -7.23 20.38
N PRO B 4 24.90 -6.24 20.61
CA PRO B 4 24.38 -6.01 21.96
C PRO B 4 23.43 -7.11 22.37
N PRO B 5 23.13 -7.23 23.67
CA PRO B 5 22.17 -8.25 24.10
C PRO B 5 20.80 -7.98 23.50
N PRO B 6 20.01 -9.02 23.28
CA PRO B 6 18.68 -8.84 22.70
C PRO B 6 17.76 -8.09 23.65
N PRO B 7 16.65 -7.54 23.15
CA PRO B 7 15.72 -6.85 24.04
C PRO B 7 15.17 -7.79 25.09
N GLU B 8 14.96 -7.26 26.29
CA GLU B 8 14.48 -8.08 27.39
C GLU B 8 13.10 -8.64 27.10
N THR B 9 12.86 -9.88 27.53
CA THR B 9 11.58 -10.55 27.35
C THR B 9 10.89 -10.83 28.68
N SER B 10 11.51 -10.46 29.79
CA SER B 10 10.90 -10.60 31.11
C SER B 10 11.56 -9.59 32.04
N ASN B 11 10.79 -9.12 33.02
CA ASN B 11 11.29 -8.12 33.96
C ASN B 11 10.57 -8.26 35.29
N PRO B 12 11.28 -8.62 36.37
CA PRO B 12 10.63 -8.76 37.67
C PRO B 12 9.99 -7.49 38.18
N ASN B 13 10.47 -6.33 37.75
CA ASN B 13 9.86 -5.07 38.16
C ASN B 13 8.55 -4.80 37.41
N LYS B 14 8.43 -5.29 36.18
CA LYS B 14 7.20 -5.08 35.44
C LYS B 14 6.21 -6.20 35.74
N PRO B 15 4.92 -5.89 35.81
CA PRO B 15 3.91 -6.94 35.96
C PRO B 15 3.77 -7.74 34.68
N LYS B 16 3.17 -8.90 34.80
CA LYS B 16 2.88 -9.76 33.66
C LYS B 16 1.38 -9.71 33.37
N ARG B 17 1.02 -9.62 32.11
CA ARG B 17 -0.39 -9.55 31.75
C ARG B 17 -0.64 -10.22 30.42
N GLN B 18 -1.70 -11.00 30.37
CA GLN B 18 -2.22 -11.57 29.13
C GLN B 18 -3.67 -11.16 28.99
N THR B 19 -4.07 -10.80 27.77
CA THR B 19 -5.44 -10.47 27.41
C THR B 19 -5.83 -11.30 26.20
N ASN B 20 -7.09 -11.17 25.78
CA ASN B 20 -7.54 -11.90 24.59
C ASN B 20 -6.94 -11.33 23.32
N GLN B 21 -6.64 -10.03 23.30
CA GLN B 21 -6.04 -9.43 22.12
C GLN B 21 -4.60 -9.87 21.95
N LEU B 22 -3.85 -9.98 23.05
CA LEU B 22 -2.51 -10.55 22.97
C LEU B 22 -2.56 -12.03 22.57
N GLN B 23 -3.59 -12.74 23.02
CA GLN B 23 -3.81 -14.11 22.57
C GLN B 23 -3.97 -14.16 21.05
N TYR B 24 -4.81 -13.27 20.51
CA TYR B 24 -4.98 -13.20 19.06
C TYR B 24 -3.69 -12.84 18.36
N LEU B 25 -2.92 -11.91 18.94
CA LEU B 25 -1.64 -11.53 18.36
C LEU B 25 -0.68 -12.71 18.29
N LEU B 26 -0.70 -13.57 19.31
CA LEU B 26 0.22 -14.70 19.32
C LEU B 26 -0.24 -15.83 18.41
N ARG B 27 -1.54 -16.13 18.41
CA ARG B 27 -2.04 -17.31 17.69
C ARG B 27 -2.41 -17.02 16.24
N VAL B 28 -2.61 -15.76 15.86
CA VAL B 28 -3.06 -15.43 14.52
C VAL B 28 -2.03 -14.56 13.82
N VAL B 29 -1.76 -13.38 14.38
CA VAL B 29 -0.86 -12.42 13.73
C VAL B 29 0.56 -12.96 13.68
N LEU B 30 1.13 -13.23 14.86
CA LEU B 30 2.50 -13.74 14.91
C LEU B 30 2.61 -15.09 14.22
N LYS B 31 1.58 -15.94 14.35
CA LYS B 31 1.60 -17.22 13.65
C LYS B 31 1.68 -17.02 12.14
N THR B 32 0.88 -16.08 11.61
CA THR B 32 0.90 -15.83 10.17
C THR B 32 2.24 -15.29 9.72
N LEU B 33 2.80 -14.33 10.47
CA LEU B 33 4.08 -13.73 10.06
C LEU B 33 5.22 -14.74 10.17
N TRP B 34 5.21 -15.58 11.22
CA TRP B 34 6.25 -16.58 11.42
C TRP B 34 6.13 -17.70 10.39
N LYS B 35 4.92 -18.02 9.94
N LYS B 35 4.91 -18.02 9.95
CA LYS B 35 4.75 -19.04 8.92
CA LYS B 35 4.72 -19.02 8.91
C LYS B 35 5.24 -18.60 7.56
C LYS B 35 5.37 -18.58 7.61
N HIS B 36 5.34 -17.29 7.32
CA HIS B 36 5.62 -16.79 5.98
C HIS B 36 7.02 -17.14 5.51
N GLN B 37 7.17 -17.13 4.18
CA GLN B 37 8.42 -17.49 3.52
C GLN B 37 9.49 -16.42 3.65
N PHE B 38 9.08 -15.17 3.88
CA PHE B 38 10.00 -14.05 4.03
C PHE B 38 10.42 -13.84 5.48
N ALA B 39 10.01 -14.72 6.39
CA ALA B 39 10.20 -14.46 7.82
C ALA B 39 11.60 -14.79 8.31
N TRP B 40 12.37 -15.58 7.56
CA TRP B 40 13.64 -16.08 8.09
C TRP B 40 14.68 -14.99 8.39
N PRO B 41 14.67 -13.80 7.76
CA PRO B 41 15.59 -12.74 8.24
C PRO B 41 15.07 -11.95 9.43
N PHE B 42 13.82 -12.13 9.83
CA PHE B 42 13.25 -11.39 10.95
C PHE B 42 12.97 -12.25 12.17
N GLN B 43 13.09 -13.58 12.07
CA GLN B 43 12.77 -14.47 13.18
C GLN B 43 13.75 -14.37 14.34
N GLN B 44 14.76 -13.51 14.24
CA GLN B 44 15.80 -13.39 15.25
C GLN B 44 16.37 -11.99 15.17
N PRO B 45 17.04 -11.52 16.22
CA PRO B 45 17.65 -10.18 16.17
C PRO B 45 18.63 -10.06 15.02
N VAL B 46 18.81 -8.83 14.55
CA VAL B 46 19.75 -8.57 13.46
C VAL B 46 21.16 -8.86 13.95
N ASP B 47 21.81 -9.84 13.32
CA ASP B 47 23.19 -10.20 13.66
C ASP B 47 24.11 -9.31 12.84
N ALA B 48 24.56 -8.20 13.44
CA ALA B 48 25.45 -7.28 12.75
C ALA B 48 26.80 -7.92 12.43
N VAL B 49 27.25 -8.86 13.26
CA VAL B 49 28.50 -9.55 13.00
C VAL B 49 28.37 -10.44 11.77
N LYS B 50 27.28 -11.19 11.68
CA LYS B 50 27.09 -12.13 10.57
C LYS B 50 27.01 -11.40 9.25
N LEU B 51 26.18 -10.35 9.18
CA LEU B 51 25.94 -9.63 7.93
C LEU B 51 26.89 -8.47 7.72
N ASN B 52 27.87 -8.27 8.62
CA ASN B 52 28.87 -7.21 8.49
C ASN B 52 28.21 -5.84 8.43
N LEU B 53 27.49 -5.50 9.50
CA LEU B 53 26.79 -4.22 9.63
C LEU B 53 27.31 -3.52 10.87
N PRO B 54 28.49 -2.88 10.78
CA PRO B 54 29.10 -2.30 12.00
C PRO B 54 28.34 -1.13 12.58
N ASP B 55 27.51 -0.44 11.79
CA ASP B 55 26.82 0.76 12.26
C ASP B 55 25.33 0.53 12.48
N TYR B 56 24.87 -0.72 12.50
CA TYR B 56 23.44 -0.98 12.63
C TYR B 56 22.91 -0.49 13.97
N TYR B 57 23.52 -0.95 15.07
CA TYR B 57 23.05 -0.58 16.39
C TYR B 57 23.49 0.81 16.82
N LYS B 58 24.19 1.54 15.95
CA LYS B 58 24.35 2.97 16.14
C LYS B 58 23.16 3.73 15.56
N ILE B 59 22.54 3.20 14.51
CA ILE B 59 21.41 3.85 13.86
C ILE B 59 20.09 3.42 14.49
N ILE B 60 19.95 2.15 14.84
CA ILE B 60 18.71 1.60 15.38
C ILE B 60 18.84 1.58 16.91
N LYS B 61 18.09 2.47 17.58
CA LYS B 61 18.14 2.53 19.03
C LYS B 61 17.12 1.61 19.70
N THR B 62 16.11 1.15 18.97
CA THR B 62 15.10 0.23 19.50
C THR B 62 15.04 -0.98 18.58
N PRO B 63 15.97 -1.92 18.72
CA PRO B 63 15.92 -3.13 17.90
C PRO B 63 14.72 -3.99 18.28
N MET B 64 14.26 -4.77 17.30
CA MET B 64 13.11 -5.64 17.51
C MET B 64 13.10 -6.71 16.42
N ASP B 65 12.55 -7.88 16.77
CA ASP B 65 12.49 -8.99 15.84
C ASP B 65 11.31 -9.88 16.23
N MET B 66 10.99 -10.81 15.34
CA MET B 66 9.83 -11.68 15.56
C MET B 66 10.06 -12.67 16.70
N GLY B 67 11.31 -13.10 16.90
CA GLY B 67 11.59 -14.00 18.00
C GLY B 67 11.42 -13.33 19.35
N THR B 68 11.85 -12.08 19.47
CA THR B 68 11.65 -11.33 20.70
C THR B 68 10.16 -11.14 20.98
N ILE B 69 9.38 -10.82 19.94
CA ILE B 69 7.94 -10.68 20.11
C ILE B 69 7.33 -12.01 20.53
N LYS B 70 7.81 -13.11 19.96
CA LYS B 70 7.30 -14.44 20.32
C LYS B 70 7.55 -14.73 21.79
N LYS B 71 8.78 -14.51 22.24
CA LYS B 71 9.12 -14.75 23.64
C LYS B 71 8.33 -13.83 24.57
N ARG B 72 8.14 -12.56 24.15
CA ARG B 72 7.39 -11.63 24.99
C ARG B 72 5.92 -12.02 25.10
N LEU B 73 5.33 -12.51 24.02
CA LEU B 73 3.95 -12.97 24.08
C LEU B 73 3.82 -14.24 24.90
N GLU B 74 4.80 -15.15 24.79
CA GLU B 74 4.75 -16.38 25.56
C GLU B 74 4.96 -16.14 27.04
N ASN B 75 5.79 -15.15 27.40
CA ASN B 75 6.06 -14.82 28.79
C ASN B 75 5.07 -13.81 29.37
N ASN B 76 4.10 -13.36 28.58
CA ASN B 76 3.14 -12.35 29.02
C ASN B 76 3.86 -11.08 29.49
N TYR B 77 4.89 -10.69 28.75
CA TYR B 77 5.70 -9.52 29.13
C TYR B 77 4.96 -8.21 28.86
N TYR B 78 4.02 -8.20 27.92
CA TYR B 78 3.27 -7.00 27.58
C TYR B 78 2.17 -6.75 28.60
N TRP B 79 1.74 -5.50 28.68
CA TRP B 79 0.60 -5.14 29.53
C TRP B 79 -0.72 -5.22 28.76
N ASN B 80 -0.74 -4.67 27.55
CA ASN B 80 -1.94 -4.72 26.71
C ASN B 80 -1.50 -5.01 25.28
N ALA B 81 -2.33 -4.64 24.32
CA ALA B 81 -2.05 -4.94 22.93
C ALA B 81 -1.24 -3.87 22.22
N GLN B 82 -1.39 -2.59 22.60
CA GLN B 82 -0.74 -1.58 21.77
C GLN B 82 0.78 -1.71 21.86
N GLU B 83 1.29 -2.23 22.97
CA GLU B 83 2.73 -2.42 23.10
C GLU B 83 3.25 -3.46 22.12
N CYS B 84 2.53 -4.57 21.97
CA CYS B 84 2.96 -5.59 21.01
C CYS B 84 2.84 -5.08 19.58
N ILE B 85 1.75 -4.37 19.28
CA ILE B 85 1.61 -3.79 17.94
C ILE B 85 2.75 -2.81 17.68
N GLN B 86 3.14 -2.04 18.71
CA GLN B 86 4.24 -1.11 18.56
C GLN B 86 5.56 -1.83 18.36
N ASP B 87 5.73 -3.01 18.96
CA ASP B 87 6.94 -3.80 18.71
C ASP B 87 7.00 -4.27 17.27
N PHE B 88 5.89 -4.77 16.74
CA PHE B 88 5.83 -5.13 15.32
C PHE B 88 6.20 -3.94 14.44
N ASN B 89 5.53 -2.81 14.67
CA ASN B 89 5.78 -1.61 13.89
C ASN B 89 7.21 -1.14 14.03
N THR B 90 7.81 -1.33 15.21
CA THR B 90 9.19 -0.94 15.42
C THR B 90 10.14 -1.81 14.60
N MET B 91 9.89 -3.12 14.56
CA MET B 91 10.69 -3.99 13.70
C MET B 91 10.61 -3.52 12.25
N PHE B 92 9.39 -3.27 11.77
CA PHE B 92 9.24 -2.84 10.37
C PHE B 92 9.95 -1.51 10.10
N THR B 93 9.79 -0.54 11.01
CA THR B 93 10.38 0.77 10.79
C THR B 93 11.89 0.75 10.93
N ASN B 94 12.43 -0.11 11.80
CA ASN B 94 13.88 -0.30 11.84
C ASN B 94 14.38 -0.83 10.51
N CYS B 95 13.69 -1.82 9.96
CA CYS B 95 14.07 -2.33 8.64
C CYS B 95 14.03 -1.23 7.59
N TYR B 96 13.00 -0.37 7.64
CA TYR B 96 12.88 0.70 6.65
C TYR B 96 13.92 1.79 6.84
N ILE B 97 14.36 2.04 8.08
CA ILE B 97 15.28 3.12 8.34
C ILE B 97 16.72 2.72 8.04
N TYR B 98 17.11 1.49 8.41
CA TYR B 98 18.50 1.11 8.20
C TYR B 98 18.81 0.89 6.72
N ASN B 99 17.93 0.21 6.00
CA ASN B 99 18.21 -0.17 4.62
C ASN B 99 17.67 0.87 3.65
N LYS B 100 18.19 0.82 2.42
CA LYS B 100 17.69 1.67 1.35
C LYS B 100 16.37 1.14 0.81
N PRO B 101 15.49 2.02 0.33
CA PRO B 101 14.13 1.57 -0.04
C PRO B 101 14.09 0.59 -1.21
N GLY B 102 15.20 0.34 -1.88
CA GLY B 102 15.24 -0.58 -3.00
C GLY B 102 15.86 -1.94 -2.71
N ASP B 103 16.15 -2.24 -1.45
CA ASP B 103 16.78 -3.51 -1.10
C ASP B 103 15.74 -4.61 -0.92
N ASP B 104 16.21 -5.86 -0.99
CA ASP B 104 15.31 -7.00 -0.87
C ASP B 104 14.62 -7.03 0.49
N ILE B 105 15.37 -6.73 1.55
CA ILE B 105 14.84 -6.85 2.90
C ILE B 105 13.74 -5.82 3.13
N VAL B 106 13.84 -4.64 2.53
CA VAL B 106 12.78 -3.63 2.67
C VAL B 106 11.50 -4.13 2.03
N LEU B 107 11.61 -4.75 0.86
CA LEU B 107 10.44 -5.30 0.17
C LEU B 107 9.81 -6.44 0.98
N MET B 108 10.65 -7.32 1.54
CA MET B 108 10.16 -8.37 2.41
C MET B 108 9.40 -7.79 3.61
N ALA B 109 9.97 -6.77 4.23
CA ALA B 109 9.33 -6.15 5.39
C ALA B 109 8.02 -5.48 5.01
N GLU B 110 7.95 -4.89 3.82
CA GLU B 110 6.71 -4.26 3.39
C GLU B 110 5.61 -5.29 3.17
N ALA B 111 5.96 -6.43 2.54
CA ALA B 111 4.98 -7.50 2.38
C ALA B 111 4.51 -8.03 3.73
N LEU B 112 5.47 -8.28 4.64
CA LEU B 112 5.11 -8.78 5.96
C LEU B 112 4.27 -7.77 6.73
N GLU B 113 4.52 -6.48 6.55
CA GLU B 113 3.73 -5.47 7.24
C GLU B 113 2.32 -5.38 6.67
N LYS B 114 2.17 -5.57 5.35
CA LYS B 114 0.83 -5.62 4.79
C LYS B 114 0.05 -6.80 5.36
N LEU B 115 0.70 -7.96 5.48
CA LEU B 115 0.05 -9.10 6.14
C LEU B 115 -0.30 -8.79 7.59
N PHE B 116 0.63 -8.13 8.29
CA PHE B 116 0.41 -7.77 9.69
C PHE B 116 -0.80 -6.86 9.85
N LEU B 117 -0.93 -5.86 8.98
CA LEU B 117 -2.07 -4.95 9.04
C LEU B 117 -3.37 -5.68 8.69
N GLN B 118 -3.32 -6.58 7.70
CA GLN B 118 -4.49 -7.40 7.40
C GLN B 118 -4.94 -8.17 8.63
N LYS B 119 -4.00 -8.76 9.37
CA LYS B 119 -4.37 -9.54 10.55
C LYS B 119 -4.86 -8.64 11.68
N ILE B 120 -4.26 -7.46 11.82
CA ILE B 120 -4.63 -6.56 12.92
C ILE B 120 -6.00 -5.96 12.68
N ASN B 121 -6.42 -5.82 11.43
CA ASN B 121 -7.77 -5.33 11.15
C ASN B 121 -8.84 -6.20 11.81
N GLU B 122 -8.54 -7.46 12.09
CA GLU B 122 -9.49 -8.35 12.75
C GLU B 122 -9.17 -8.56 14.22
N LEU B 123 -8.41 -7.66 14.82
CA LEU B 123 -8.14 -7.75 16.25
C LEU B 123 -9.44 -7.51 17.04
N PRO B 124 -9.67 -8.25 18.12
CA PRO B 124 -10.90 -8.04 18.90
C PRO B 124 -11.03 -6.63 19.42
N THR B 125 -12.27 -6.11 19.37
CA THR B 125 -12.52 -4.72 19.78
C THR B 125 -12.52 -4.46 21.29
N GLU B 126 -12.68 -5.48 22.14
CA GLU B 126 -12.17 -5.27 23.49
C GLU B 126 -11.15 -6.28 23.93
N GLU B 127 -10.20 -5.75 24.69
CA GLU B 127 -9.37 -6.49 25.65
C GLU B 127 -10.22 -7.05 26.78
N THR B 128 -10.23 -8.36 26.90
CA THR B 128 -10.74 -9.04 28.08
C THR B 128 -9.53 -9.51 28.87
N GLU B 129 -9.63 -9.48 30.19
CA GLU B 129 -8.47 -9.81 31.01
C GLU B 129 -8.54 -11.28 31.45
N ILE B 130 -7.88 -12.16 30.68
CA ILE B 130 -7.36 -13.41 31.21
C ILE B 130 -6.48 -13.27 32.45
N MET B 131 -5.24 -12.83 32.29
CA MET B 131 -4.25 -13.09 33.34
C MET B 131 -3.50 -11.83 33.72
N ILE B 132 -3.25 -11.68 35.01
CA ILE B 132 -2.41 -10.60 35.53
C ILE B 132 -1.63 -11.12 36.73
N VAL B 133 -0.35 -10.75 36.79
CA VAL B 133 0.53 -11.04 37.92
C VAL B 133 1.25 -9.76 38.28
N GLN B 134 1.19 -9.39 39.57
CA GLN B 134 1.90 -8.21 40.02
C GLN B 134 3.41 -8.45 40.01
N ALA B 135 4.16 -7.38 40.15
CA ALA B 135 5.62 -7.45 40.03
C ALA B 135 6.21 -8.33 41.12
N LYS B 136 7.19 -9.15 40.72
CA LYS B 136 7.89 -10.06 41.63
C LYS B 136 6.91 -11.00 42.34
N THR C 2 -6.55 24.91 -13.59
CA THR C 2 -7.80 24.48 -12.95
C THR C 2 -8.16 23.06 -13.37
N ASN C 3 -9.46 22.82 -13.57
CA ASN C 3 -9.91 21.50 -14.01
C ASN C 3 -9.44 21.24 -15.43
N PRO C 4 -8.81 20.10 -15.70
CA PRO C 4 -8.35 19.79 -17.05
C PRO C 4 -9.52 19.43 -17.95
N PRO C 5 -9.34 19.47 -19.27
CA PRO C 5 -10.43 19.11 -20.16
C PRO C 5 -10.84 17.66 -19.96
N PRO C 6 -12.08 17.31 -20.26
CA PRO C 6 -12.53 15.92 -20.10
C PRO C 6 -11.84 15.02 -21.11
N PRO C 7 -11.81 13.71 -20.86
CA PRO C 7 -11.18 12.79 -21.81
C PRO C 7 -11.82 12.88 -23.18
N GLU C 8 -11.04 12.47 -24.19
CA GLU C 8 -11.46 12.59 -25.57
C GLU C 8 -12.54 11.57 -25.91
N THR C 9 -13.55 11.99 -26.66
CA THR C 9 -14.64 11.12 -27.06
C THR C 9 -14.73 10.92 -28.58
N SER C 10 -13.86 11.57 -29.36
CA SER C 10 -13.80 11.33 -30.79
C SER C 10 -12.44 11.78 -31.30
N ASN C 11 -11.90 11.04 -32.26
CA ASN C 11 -10.60 11.37 -32.80
C ASN C 11 -10.57 11.18 -34.31
N PRO C 12 -10.30 12.25 -35.08
CA PRO C 12 -10.21 12.08 -36.53
C PRO C 12 -9.07 11.20 -36.97
N ASN C 13 -8.00 11.12 -36.18
CA ASN C 13 -6.87 10.24 -36.50
C ASN C 13 -7.16 8.78 -36.15
N LYS C 14 -8.25 8.49 -35.45
CA LYS C 14 -8.58 7.15 -35.02
C LYS C 14 -9.76 6.59 -35.81
N PRO C 15 -9.76 5.30 -36.11
CA PRO C 15 -10.92 4.69 -36.76
C PRO C 15 -12.08 4.54 -35.78
N LYS C 16 -13.26 4.30 -36.35
CA LYS C 16 -14.47 4.07 -35.56
C LYS C 16 -14.91 2.63 -35.77
N ARG C 17 -15.05 1.89 -34.67
CA ARG C 17 -15.40 0.48 -34.74
C ARG C 17 -16.59 0.19 -33.84
N GLN C 18 -17.45 -0.72 -34.29
CA GLN C 18 -18.57 -1.20 -33.50
C GLN C 18 -18.65 -2.71 -33.64
N THR C 19 -18.59 -3.41 -32.51
CA THR C 19 -18.70 -4.86 -32.45
C THR C 19 -19.91 -5.23 -31.59
N ASN C 20 -20.20 -6.52 -31.54
CA ASN C 20 -21.33 -7.00 -30.76
C ASN C 20 -21.10 -6.81 -29.26
N GLN C 21 -19.88 -7.06 -28.79
CA GLN C 21 -19.58 -6.90 -27.38
C GLN C 21 -19.68 -5.44 -26.95
N LEU C 22 -19.31 -4.51 -27.83
CA LEU C 22 -19.42 -3.10 -27.49
C LEU C 22 -20.88 -2.67 -27.35
N GLN C 23 -21.74 -3.14 -28.26
CA GLN C 23 -23.16 -2.80 -28.14
C GLN C 23 -23.80 -3.50 -26.95
N TYR C 24 -23.29 -4.67 -26.55
CA TYR C 24 -23.75 -5.28 -25.31
C TYR C 24 -23.33 -4.46 -24.11
N LEU C 25 -22.08 -3.96 -24.12
CA LEU C 25 -21.61 -3.09 -23.05
C LEU C 25 -22.48 -1.84 -22.95
N LEU C 26 -22.91 -1.31 -24.09
CA LEU C 26 -23.70 -0.08 -24.09
C LEU C 26 -25.13 -0.35 -23.61
N ARG C 27 -25.77 -1.39 -24.13
CA ARG C 27 -27.19 -1.63 -23.88
C ARG C 27 -27.46 -2.48 -22.64
N VAL C 28 -26.47 -3.19 -22.12
CA VAL C 28 -26.58 -3.90 -20.85
C VAL C 28 -25.70 -3.26 -19.78
N VAL C 29 -24.38 -3.38 -19.92
CA VAL C 29 -23.46 -3.05 -18.84
C VAL C 29 -23.60 -1.58 -18.42
N LEU C 30 -23.24 -0.67 -19.31
CA LEU C 30 -23.31 0.76 -19.01
C LEU C 30 -24.74 1.17 -18.65
N LYS C 31 -25.73 0.57 -19.31
CA LYS C 31 -27.11 0.99 -19.10
C LYS C 31 -27.66 0.47 -17.77
N THR C 32 -27.33 -0.77 -17.40
CA THR C 32 -27.74 -1.27 -16.09
C THR C 32 -27.03 -0.52 -14.98
N LEU C 33 -25.78 -0.14 -15.20
CA LEU C 33 -25.01 0.59 -14.19
C LEU C 33 -25.31 2.08 -14.17
N TRP C 34 -25.99 2.61 -15.18
CA TRP C 34 -26.20 4.05 -15.29
C TRP C 34 -27.39 4.52 -14.46
N LYS C 35 -28.44 3.71 -14.40
CA LYS C 35 -29.60 4.02 -13.57
C LYS C 35 -29.45 3.50 -12.14
N HIS C 36 -28.26 3.07 -11.75
CA HIS C 36 -28.05 2.55 -10.41
C HIS C 36 -28.10 3.68 -9.39
N GLN C 37 -28.42 3.30 -8.15
CA GLN C 37 -28.55 4.27 -7.07
C GLN C 37 -27.25 5.02 -6.81
N PHE C 38 -26.11 4.39 -7.05
CA PHE C 38 -24.80 4.96 -6.77
C PHE C 38 -24.12 5.54 -8.00
N ALA C 39 -24.85 5.72 -9.09
CA ALA C 39 -24.24 6.09 -10.36
C ALA C 39 -23.96 7.58 -10.50
N TRP C 40 -24.71 8.43 -9.77
CA TRP C 40 -24.62 9.86 -10.03
C TRP C 40 -23.25 10.49 -9.81
N PRO C 41 -22.41 10.07 -8.85
CA PRO C 41 -21.08 10.70 -8.74
C PRO C 41 -20.14 10.36 -9.87
N PHE C 42 -20.49 9.39 -10.73
CA PHE C 42 -19.63 8.98 -11.83
C PHE C 42 -20.25 9.23 -13.20
N GLN C 43 -21.43 9.84 -13.26
CA GLN C 43 -22.08 10.13 -14.53
C GLN C 43 -21.47 11.33 -15.26
N GLN C 44 -20.48 11.97 -14.66
CA GLN C 44 -19.86 13.16 -15.25
C GLN C 44 -18.44 13.27 -14.71
N PRO C 45 -17.56 13.99 -15.40
CA PRO C 45 -16.19 14.14 -14.91
C PRO C 45 -16.15 14.79 -13.53
N VAL C 46 -15.16 14.39 -12.74
CA VAL C 46 -15.03 14.88 -11.37
C VAL C 46 -14.66 16.36 -11.41
N ASP C 47 -15.41 17.17 -10.68
CA ASP C 47 -15.14 18.60 -10.57
C ASP C 47 -14.28 18.83 -9.33
N ALA C 48 -12.96 18.77 -9.50
CA ALA C 48 -12.04 18.92 -8.38
C ALA C 48 -12.10 20.32 -7.77
N VAL C 49 -12.52 21.33 -8.55
CA VAL C 49 -12.58 22.70 -8.03
C VAL C 49 -13.76 22.84 -7.07
N LYS C 50 -14.96 22.52 -7.54
CA LYS C 50 -16.15 22.74 -6.72
C LYS C 50 -16.26 21.73 -5.58
N LEU C 51 -15.75 20.52 -5.77
CA LEU C 51 -15.69 19.55 -4.68
C LEU C 51 -14.56 19.82 -3.71
N ASN C 52 -13.76 20.87 -3.94
CA ASN C 52 -12.65 21.26 -3.07
C ASN C 52 -11.65 20.11 -2.92
N LEU C 53 -11.30 19.49 -4.06
CA LEU C 53 -10.28 18.46 -4.13
C LEU C 53 -9.06 19.05 -4.83
N PRO C 54 -8.14 19.69 -4.10
CA PRO C 54 -7.03 20.40 -4.75
C PRO C 54 -5.92 19.51 -5.28
N ASP C 55 -6.08 18.19 -5.24
N ASP C 55 -6.07 18.19 -5.25
CA ASP C 55 -5.02 17.29 -5.69
CA ASP C 55 -5.02 17.30 -5.71
C ASP C 55 -5.56 16.08 -6.43
C ASP C 55 -5.58 16.04 -6.37
N TYR C 56 -6.81 16.12 -6.89
CA TYR C 56 -7.38 14.96 -7.58
C TYR C 56 -6.67 14.72 -8.91
N TYR C 57 -6.58 15.76 -9.75
CA TYR C 57 -5.95 15.62 -11.05
C TYR C 57 -4.43 15.71 -10.99
N LYS C 58 -3.85 15.82 -9.79
CA LYS C 58 -2.43 15.60 -9.61
C LYS C 58 -2.12 14.15 -9.25
N ILE C 59 -3.03 13.50 -8.52
CA ILE C 59 -2.90 12.08 -8.21
C ILE C 59 -3.45 11.21 -9.33
N ILE C 60 -4.70 11.47 -9.74
CA ILE C 60 -5.31 10.74 -10.84
C ILE C 60 -4.83 11.35 -12.16
N LYS C 61 -4.11 10.55 -12.95
CA LYS C 61 -3.55 11.02 -14.20
C LYS C 61 -4.24 10.44 -15.42
N THR C 62 -5.26 9.60 -15.24
CA THR C 62 -6.09 9.11 -16.33
C THR C 62 -7.55 9.09 -15.89
N PRO C 63 -8.15 10.27 -15.73
CA PRO C 63 -9.52 10.33 -15.22
C PRO C 63 -10.53 9.71 -16.19
N MET C 64 -11.59 9.15 -15.62
CA MET C 64 -12.62 8.48 -16.40
C MET C 64 -13.93 8.54 -15.65
N ASP C 65 -15.02 8.66 -16.41
CA ASP C 65 -16.36 8.68 -15.85
C ASP C 65 -17.31 8.02 -16.85
N MET C 66 -18.54 7.77 -16.41
CA MET C 66 -19.51 7.06 -17.24
C MET C 66 -20.08 7.92 -18.36
N GLY C 67 -20.03 9.25 -18.24
CA GLY C 67 -20.41 10.08 -19.37
C GLY C 67 -19.46 9.91 -20.55
N THR C 68 -18.16 9.85 -20.26
CA THR C 68 -17.18 9.65 -21.32
C THR C 68 -17.36 8.29 -21.98
N ILE C 69 -17.57 7.23 -21.18
CA ILE C 69 -17.79 5.90 -21.74
C ILE C 69 -19.07 5.88 -22.56
N LYS C 70 -20.12 6.55 -22.07
CA LYS C 70 -21.38 6.58 -22.81
C LYS C 70 -21.20 7.23 -24.17
N LYS C 71 -20.55 8.40 -24.21
CA LYS C 71 -20.33 9.08 -25.47
C LYS C 71 -19.42 8.26 -26.39
N ARG C 72 -18.40 7.59 -25.83
CA ARG C 72 -17.49 6.80 -26.64
C ARG C 72 -18.20 5.60 -27.26
N LEU C 73 -19.04 4.92 -26.48
CA LEU C 73 -19.81 3.81 -27.03
C LEU C 73 -20.80 4.29 -28.08
N GLU C 74 -21.44 5.43 -27.83
CA GLU C 74 -22.38 5.97 -28.81
C GLU C 74 -21.67 6.47 -30.06
N ASN C 75 -20.44 6.99 -29.92
CA ASN C 75 -19.66 7.47 -31.04
C ASN C 75 -18.78 6.39 -31.65
N ASN C 76 -18.81 5.18 -31.12
CA ASN C 76 -17.96 4.07 -31.59
C ASN C 76 -16.48 4.46 -31.55
N TYR C 77 -16.09 5.11 -30.45
CA TYR C 77 -14.71 5.59 -30.33
C TYR C 77 -13.75 4.45 -30.03
N TYR C 78 -14.22 3.38 -29.42
CA TYR C 78 -13.36 2.26 -29.07
C TYR C 78 -13.07 1.39 -30.29
N TRP C 79 -12.06 0.54 -30.17
CA TRP C 79 -11.77 -0.48 -31.16
C TRP C 79 -12.39 -1.82 -30.81
N ASN C 80 -12.40 -2.19 -29.53
CA ASN C 80 -13.01 -3.44 -29.09
C ASN C 80 -13.60 -3.24 -27.70
N ALA C 81 -14.16 -4.31 -27.15
CA ALA C 81 -14.78 -4.22 -25.83
C ALA C 81 -13.75 -4.10 -24.71
N GLN C 82 -12.52 -4.58 -24.95
CA GLN C 82 -11.51 -4.55 -23.91
C GLN C 82 -11.19 -3.13 -23.47
N GLU C 83 -11.20 -2.18 -24.41
CA GLU C 83 -10.89 -0.80 -24.06
C GLU C 83 -11.99 -0.18 -23.22
N CYS C 84 -13.25 -0.48 -23.54
CA CYS C 84 -14.36 0.00 -22.73
C CYS C 84 -14.32 -0.61 -21.33
N ILE C 85 -14.01 -1.90 -21.23
CA ILE C 85 -13.88 -2.55 -19.93
C ILE C 85 -12.75 -1.92 -19.13
N GLN C 86 -11.63 -1.61 -19.80
CA GLN C 86 -10.52 -0.95 -19.12
C GLN C 86 -10.92 0.44 -18.64
N ASP C 87 -11.75 1.14 -19.42
CA ASP C 87 -12.22 2.45 -18.97
C ASP C 87 -13.09 2.32 -17.73
N PHE C 88 -13.98 1.33 -17.68
CA PHE C 88 -14.76 1.07 -16.47
C PHE C 88 -13.84 0.80 -15.28
N ASN C 89 -12.87 -0.09 -15.47
CA ASN C 89 -11.96 -0.45 -14.39
C ASN C 89 -11.15 0.76 -13.93
N THR C 90 -10.77 1.63 -14.85
CA THR C 90 -10.05 2.85 -14.49
C THR C 90 -10.94 3.79 -13.68
N MET C 91 -12.21 3.91 -14.08
CA MET C 91 -13.15 4.71 -13.29
C MET C 91 -13.25 4.21 -11.87
N PHE C 92 -13.31 2.88 -11.70
CA PHE C 92 -13.38 2.32 -10.34
C PHE C 92 -12.08 2.54 -9.58
N THR C 93 -10.94 2.31 -10.24
CA THR C 93 -9.67 2.33 -9.55
C THR C 93 -9.23 3.75 -9.19
N ASN C 94 -9.62 4.75 -9.99
CA ASN C 94 -9.33 6.13 -9.61
C ASN C 94 -10.00 6.48 -8.29
N CYS C 95 -11.27 6.06 -8.12
CA CYS C 95 -11.96 6.27 -6.85
C CYS C 95 -11.30 5.48 -5.73
N TYR C 96 -10.88 4.25 -6.01
CA TYR C 96 -10.21 3.46 -4.98
C TYR C 96 -8.88 4.09 -4.56
N ILE C 97 -8.19 4.74 -5.49
CA ILE C 97 -6.85 5.25 -5.22
C ILE C 97 -6.90 6.62 -4.55
N TYR C 98 -7.77 7.51 -5.02
CA TYR C 98 -7.85 8.83 -4.42
C TYR C 98 -8.45 8.78 -3.03
N ASN C 99 -9.50 8.00 -2.85
CA ASN C 99 -10.20 7.93 -1.57
C ASN C 99 -9.67 6.79 -0.72
N LYS C 100 -9.93 6.88 0.58
CA LYS C 100 -9.49 5.87 1.54
C LYS C 100 -10.45 4.68 1.54
N PRO C 101 -9.93 3.48 1.78
CA PRO C 101 -10.79 2.28 1.70
C PRO C 101 -11.88 2.29 2.77
N GLY C 102 -13.06 1.82 2.37
CA GLY C 102 -14.20 1.79 3.26
C GLY C 102 -15.05 3.05 3.25
N ASP C 103 -14.61 4.10 2.57
CA ASP C 103 -15.37 5.34 2.54
C ASP C 103 -16.69 5.14 1.79
N ASP C 104 -17.56 6.15 1.90
CA ASP C 104 -18.87 6.07 1.27
C ASP C 104 -18.74 5.93 -0.25
N ILE C 105 -17.98 6.83 -0.87
CA ILE C 105 -17.80 6.77 -2.32
C ILE C 105 -17.09 5.49 -2.72
N VAL C 106 -16.20 4.99 -1.86
CA VAL C 106 -15.50 3.74 -2.16
C VAL C 106 -16.47 2.57 -2.13
N LEU C 107 -17.37 2.54 -1.14
CA LEU C 107 -18.37 1.48 -1.08
C LEU C 107 -19.32 1.54 -2.27
N MET C 108 -19.71 2.75 -2.67
CA MET C 108 -20.57 2.91 -3.85
C MET C 108 -19.85 2.40 -5.09
N ALA C 109 -18.58 2.76 -5.26
CA ALA C 109 -17.82 2.28 -6.41
C ALA C 109 -17.65 0.77 -6.37
N GLU C 110 -17.52 0.19 -5.18
CA GLU C 110 -17.36 -1.26 -5.08
C GLU C 110 -18.65 -1.98 -5.46
N ALA C 111 -19.80 -1.46 -5.03
CA ALA C 111 -21.07 -2.04 -5.46
C ALA C 111 -21.25 -1.90 -6.98
N LEU C 112 -20.89 -0.73 -7.52
CA LEU C 112 -20.95 -0.53 -8.97
C LEU C 112 -20.07 -1.54 -9.69
N GLU C 113 -18.85 -1.76 -9.20
CA GLU C 113 -17.94 -2.70 -9.84
C GLU C 113 -18.41 -4.14 -9.69
N LYS C 114 -19.05 -4.47 -8.57
CA LYS C 114 -19.60 -5.81 -8.40
C LYS C 114 -20.66 -6.09 -9.45
N LEU C 115 -21.61 -5.16 -9.61
CA LEU C 115 -22.62 -5.39 -10.64
C LEU C 115 -22.04 -5.24 -12.05
N PHE C 116 -20.97 -4.47 -12.21
CA PHE C 116 -20.26 -4.41 -13.48
C PHE C 116 -19.70 -5.77 -13.86
N LEU C 117 -19.01 -6.43 -12.92
CA LEU C 117 -18.44 -7.74 -13.19
C LEU C 117 -19.53 -8.79 -13.40
N GLN C 118 -20.63 -8.69 -12.63
CA GLN C 118 -21.75 -9.59 -12.85
C GLN C 118 -22.29 -9.49 -14.26
N LYS C 119 -22.43 -8.26 -14.78
CA LYS C 119 -22.94 -8.09 -16.13
C LYS C 119 -21.90 -8.43 -17.19
N ILE C 120 -20.61 -8.25 -16.88
CA ILE C 120 -19.56 -8.56 -17.84
C ILE C 120 -19.40 -10.06 -18.00
N ASN C 121 -19.72 -10.83 -16.94
CA ASN C 121 -19.67 -12.28 -17.03
C ASN C 121 -20.48 -12.82 -18.21
N GLU C 122 -21.57 -12.15 -18.58
CA GLU C 122 -22.43 -12.59 -19.67
C GLU C 122 -22.11 -11.88 -20.99
N LEU C 123 -20.90 -11.34 -21.13
CA LEU C 123 -20.49 -10.79 -22.41
C LEU C 123 -20.38 -11.92 -23.44
N PRO C 124 -20.79 -11.67 -24.68
CA PRO C 124 -20.69 -12.73 -25.71
C PRO C 124 -19.26 -13.23 -25.88
N THR C 125 -19.15 -14.51 -26.24
CA THR C 125 -17.83 -15.14 -26.37
C THR C 125 -17.08 -14.58 -27.58
N GLU C 126 -17.69 -14.64 -28.75
CA GLU C 126 -17.03 -14.24 -29.98
C GLU C 126 -17.14 -12.73 -30.18
N GLU C 127 -16.10 -12.15 -30.80
CA GLU C 127 -16.16 -10.79 -31.30
C GLU C 127 -16.73 -10.81 -32.71
N THR C 128 -17.84 -10.13 -32.91
CA THR C 128 -18.48 -10.02 -34.22
C THR C 128 -18.40 -8.55 -34.65
N GLU C 129 -17.52 -8.26 -35.60
CA GLU C 129 -17.37 -6.90 -36.09
C GLU C 129 -18.63 -6.46 -36.83
N ILE C 130 -19.29 -5.43 -36.32
CA ILE C 130 -20.51 -4.93 -36.96
C ILE C 130 -20.18 -3.83 -37.97
N MET C 131 -19.23 -2.95 -37.64
CA MET C 131 -18.93 -1.83 -38.53
C MET C 131 -17.53 -1.32 -38.25
N ILE C 132 -16.83 -0.92 -39.32
CA ILE C 132 -15.52 -0.28 -39.21
C ILE C 132 -15.45 0.86 -40.21
N VAL C 133 -14.98 2.02 -39.75
CA VAL C 133 -14.78 3.19 -40.59
C VAL C 133 -13.36 3.68 -40.37
N GLN C 134 -12.59 3.79 -41.45
CA GLN C 134 -11.20 4.21 -41.35
C GLN C 134 -11.11 5.66 -40.85
N ALA C 135 -9.91 6.04 -40.42
CA ALA C 135 -9.67 7.38 -39.91
C ALA C 135 -9.59 8.38 -41.05
N LYS C 136 -10.06 9.59 -40.78
CA LYS C 136 -10.02 10.67 -41.76
C LYS C 136 -8.89 11.65 -41.45
N THR D 2 -17.70 8.30 17.84
CA THR D 2 -17.37 8.31 19.27
C THR D 2 -15.87 8.50 19.48
N ASN D 3 -15.52 9.55 20.21
CA ASN D 3 -14.11 9.84 20.48
C ASN D 3 -13.61 8.94 21.61
N PRO D 4 -12.62 8.08 21.35
CA PRO D 4 -12.15 7.16 22.38
C PRO D 4 -11.21 7.86 23.35
N PRO D 5 -11.01 7.29 24.54
CA PRO D 5 -10.09 7.90 25.49
C PRO D 5 -8.66 7.85 24.96
N PRO D 6 -7.80 8.75 25.41
CA PRO D 6 -6.41 8.75 24.95
C PRO D 6 -5.64 7.60 25.58
N PRO D 7 -4.43 7.31 25.10
CA PRO D 7 -3.62 6.26 25.73
C PRO D 7 -3.28 6.61 27.17
N GLU D 8 -2.93 5.57 27.93
CA GLU D 8 -2.65 5.75 29.35
C GLU D 8 -1.37 6.56 29.57
N THR D 9 -1.37 7.34 30.65
CA THR D 9 -0.18 8.03 31.11
C THR D 9 0.24 7.62 32.50
N SER D 10 -0.51 6.70 33.13
CA SER D 10 -0.17 6.21 34.47
C SER D 10 -0.84 4.86 34.67
N ASN D 11 -0.19 4.00 35.45
CA ASN D 11 -0.71 2.67 35.71
C ASN D 11 -0.34 2.23 37.12
N PRO D 12 -1.32 1.97 38.00
CA PRO D 12 -0.99 1.52 39.35
C PRO D 12 -0.36 0.14 39.40
N ASN D 13 -0.50 -0.66 38.33
CA ASN D 13 0.10 -1.99 38.29
C ASN D 13 1.52 -1.98 37.73
N LYS D 14 1.95 -0.89 37.11
CA LYS D 14 3.27 -0.81 36.51
C LYS D 14 4.21 0.05 37.35
N PRO D 15 5.49 -0.29 37.39
CA PRO D 15 6.46 0.57 38.09
C PRO D 15 6.70 1.85 37.31
N LYS D 16 7.19 2.86 38.01
CA LYS D 16 7.47 4.17 37.42
C LYS D 16 8.98 4.39 37.42
N ARG D 17 9.55 4.60 36.23
CA ARG D 17 11.00 4.72 36.08
C ARG D 17 11.36 6.02 35.39
N GLN D 18 12.44 6.63 35.87
CA GLN D 18 13.03 7.81 35.25
C GLN D 18 14.53 7.56 35.09
N THR D 19 15.01 7.64 33.85
CA THR D 19 16.40 7.43 33.46
C THR D 19 16.93 8.69 32.80
N ASN D 20 18.25 8.69 32.57
CA ASN D 20 18.89 9.86 31.94
C ASN D 20 18.51 9.98 30.48
N GLN D 21 18.32 8.85 29.79
CA GLN D 21 17.88 8.90 28.41
C GLN D 21 16.46 9.46 28.31
N LEU D 22 15.59 9.13 29.26
CA LEU D 22 14.26 9.70 29.28
C LEU D 22 14.32 11.20 29.58
N GLN D 23 15.22 11.61 30.48
CA GLN D 23 15.45 13.03 30.72
C GLN D 23 15.83 13.74 29.43
N TYR D 24 16.75 13.15 28.66
CA TYR D 24 17.18 13.78 27.42
C TYR D 24 16.05 13.81 26.40
N LEU D 25 15.23 12.76 26.37
CA LEU D 25 14.11 12.72 25.43
C LEU D 25 13.05 13.77 25.77
N LEU D 26 12.88 14.08 27.06
CA LEU D 26 11.91 15.10 27.43
C LEU D 26 12.47 16.50 27.25
N ARG D 27 13.63 16.78 27.86
CA ARG D 27 14.13 18.15 27.92
C ARG D 27 14.65 18.64 26.58
N VAL D 28 15.11 17.73 25.72
CA VAL D 28 15.74 18.09 24.44
C VAL D 28 14.86 17.68 23.26
N VAL D 29 14.64 16.38 23.08
CA VAL D 29 13.98 15.89 21.87
C VAL D 29 12.54 16.37 21.81
N LEU D 30 11.77 16.08 22.85
CA LEU D 30 10.35 16.44 22.85
C LEU D 30 10.16 17.95 22.86
N LYS D 31 11.05 18.68 23.54
CA LYS D 31 10.95 20.13 23.54
C LYS D 31 11.25 20.69 22.15
N THR D 32 12.18 20.08 21.42
CA THR D 32 12.49 20.53 20.08
C THR D 32 11.34 20.24 19.11
N LEU D 33 10.72 19.06 19.21
CA LEU D 33 9.57 18.78 18.35
C LEU D 33 8.33 19.57 18.72
N TRP D 34 8.13 19.89 20.00
CA TRP D 34 6.89 20.54 20.40
C TRP D 34 6.78 21.94 19.81
N LYS D 35 7.88 22.68 19.76
CA LYS D 35 7.89 24.03 19.23
C LYS D 35 8.13 24.08 17.73
N HIS D 36 8.19 22.92 17.07
CA HIS D 36 8.43 22.88 15.64
C HIS D 36 7.22 23.44 14.88
N GLN D 37 7.48 23.85 13.63
CA GLN D 37 6.44 24.45 12.81
C GLN D 37 5.30 23.47 12.53
N PHE D 38 5.64 22.21 12.24
CA PHE D 38 4.65 21.19 11.90
C PHE D 38 4.17 20.40 13.10
N ALA D 39 4.30 20.96 14.30
CA ALA D 39 3.90 20.24 15.51
C ALA D 39 2.42 20.39 15.84
N TRP D 40 1.72 21.33 15.21
CA TRP D 40 0.32 21.57 15.58
C TRP D 40 -0.58 20.35 15.42
N PRO D 41 -0.51 19.56 14.33
CA PRO D 41 -1.53 18.53 14.13
C PRO D 41 -1.27 17.32 15.00
N PHE D 42 -0.24 17.44 15.82
CA PHE D 42 0.33 16.31 16.52
C PHE D 42 0.42 16.47 18.02
N GLN D 43 0.37 17.70 18.55
CA GLN D 43 0.50 17.90 20.00
C GLN D 43 -0.68 17.35 20.78
N GLN D 44 -1.75 16.94 20.12
CA GLN D 44 -2.94 16.41 20.75
C GLN D 44 -3.43 15.23 19.94
N PRO D 45 -4.22 14.33 20.54
CA PRO D 45 -4.74 13.18 19.79
C PRO D 45 -5.69 13.62 18.69
N VAL D 46 -5.82 12.76 17.67
CA VAL D 46 -6.84 12.90 16.64
C VAL D 46 -8.21 13.19 17.23
N ASP D 47 -8.80 14.31 16.81
CA ASP D 47 -10.19 14.63 17.09
C ASP D 47 -11.01 14.09 15.92
N ALA D 48 -11.22 12.78 15.93
CA ALA D 48 -12.00 12.13 14.89
C ALA D 48 -13.42 12.69 14.80
N VAL D 49 -13.91 13.29 15.88
CA VAL D 49 -15.25 13.89 15.85
C VAL D 49 -15.23 15.19 15.06
N LYS D 50 -14.35 16.12 15.43
CA LYS D 50 -14.29 17.40 14.73
C LYS D 50 -13.83 17.23 13.29
N LEU D 51 -12.81 16.40 13.07
CA LEU D 51 -12.29 16.20 11.72
C LEU D 51 -13.21 15.33 10.88
N ASN D 52 -14.27 14.77 11.47
CA ASN D 52 -15.24 13.91 10.79
C ASN D 52 -14.55 12.71 10.16
N LEU D 53 -13.87 11.93 11.00
CA LEU D 53 -13.12 10.74 10.58
C LEU D 53 -13.59 9.56 11.42
N PRO D 54 -14.72 8.95 11.06
CA PRO D 54 -15.25 7.81 11.82
C PRO D 54 -14.54 6.49 11.54
N ASP D 55 -13.39 6.52 10.86
CA ASP D 55 -12.64 5.31 10.57
C ASP D 55 -11.20 5.37 11.04
N TYR D 56 -10.78 6.46 11.69
CA TYR D 56 -9.39 6.58 12.11
C TYR D 56 -9.06 5.57 13.20
N TYR D 57 -9.84 5.56 14.28
CA TYR D 57 -9.58 4.67 15.39
C TYR D 57 -10.00 3.22 15.12
N LYS D 58 -10.58 2.95 13.95
CA LYS D 58 -10.80 1.57 13.52
C LYS D 58 -9.64 1.03 12.73
N ILE D 59 -8.87 1.90 12.08
CA ILE D 59 -7.67 1.52 11.34
C ILE D 59 -6.42 1.67 12.19
N ILE D 60 -6.29 2.81 12.87
CA ILE D 60 -5.15 3.08 13.73
C ILE D 60 -5.41 2.41 15.08
N LYS D 61 -4.89 1.19 15.24
CA LYS D 61 -5.09 0.46 16.48
C LYS D 61 -4.14 0.91 17.59
N THR D 62 -3.17 1.76 17.29
CA THR D 62 -2.26 2.32 18.28
C THR D 62 -2.22 3.84 18.14
N PRO D 63 -3.28 4.52 18.55
CA PRO D 63 -3.28 5.98 18.49
C PRO D 63 -2.21 6.55 19.40
N MET D 64 -1.60 7.65 18.97
CA MET D 64 -0.48 8.21 19.72
C MET D 64 -0.26 9.65 19.33
N ASP D 65 0.01 10.50 20.33
CA ASP D 65 0.21 11.92 20.13
C ASP D 65 1.35 12.40 21.03
N MET D 66 1.81 13.63 20.76
CA MET D 66 2.91 14.19 21.52
C MET D 66 2.51 14.62 22.92
N GLY D 67 1.23 14.91 23.15
CA GLY D 67 0.77 15.23 24.49
C GLY D 67 0.86 14.04 25.43
N THR D 68 0.50 12.84 24.94
CA THR D 68 0.62 11.66 25.77
C THR D 68 2.09 11.30 26.01
N ILE D 69 2.94 11.49 25.00
CA ILE D 69 4.38 11.33 25.20
C ILE D 69 4.86 12.27 26.30
N LYS D 70 4.41 13.52 26.24
CA LYS D 70 4.79 14.52 27.24
C LYS D 70 4.36 14.09 28.64
N LYS D 71 3.09 13.74 28.80
CA LYS D 71 2.58 13.40 30.13
C LYS D 71 3.17 12.08 30.63
N ARG D 72 3.55 11.17 29.73
CA ARG D 72 4.19 9.93 30.15
C ARG D 72 5.62 10.19 30.60
N LEU D 73 6.32 11.10 29.93
CA LEU D 73 7.67 11.44 30.35
C LEU D 73 7.66 12.24 31.65
N GLU D 74 6.63 13.05 31.87
CA GLU D 74 6.52 13.77 33.13
C GLU D 74 6.16 12.85 34.28
N ASN D 75 5.19 11.96 34.06
CA ASN D 75 4.77 11.01 35.08
C ASN D 75 5.73 9.83 35.22
N ASN D 76 6.75 9.75 34.37
CA ASN D 76 7.71 8.65 34.39
C ASN D 76 7.00 7.30 34.24
N TYR D 77 6.17 7.21 33.20
CA TYR D 77 5.38 6.03 32.93
C TYR D 77 6.19 4.94 32.24
N TYR D 78 7.16 5.32 31.42
CA TYR D 78 7.94 4.35 30.67
C TYR D 78 8.89 3.59 31.58
N TRP D 79 9.39 2.46 31.07
CA TRP D 79 10.45 1.74 31.75
C TRP D 79 11.83 2.25 31.33
N ASN D 80 12.08 2.35 30.03
CA ASN D 80 13.31 2.88 29.49
C ASN D 80 12.98 3.87 28.38
N ALA D 81 14.03 4.40 27.75
CA ALA D 81 13.84 5.34 26.65
C ALA D 81 13.36 4.66 25.38
N GLN D 82 13.61 3.36 25.23
CA GLN D 82 13.19 2.65 24.03
C GLN D 82 11.68 2.66 23.88
N GLU D 83 10.95 2.61 25.00
CA GLU D 83 9.49 2.66 24.93
C GLU D 83 9.01 4.02 24.41
N CYS D 84 9.66 5.10 24.85
CA CYS D 84 9.27 6.43 24.38
C CYS D 84 9.63 6.61 22.91
N ILE D 85 10.78 6.08 22.49
CA ILE D 85 11.16 6.18 21.08
C ILE D 85 10.19 5.36 20.22
N GLN D 86 9.75 4.21 20.73
CA GLN D 86 8.73 3.44 20.01
C GLN D 86 7.41 4.19 19.95
N ASP D 87 7.08 4.94 21.00
CA ASP D 87 5.87 5.76 20.97
C ASP D 87 5.97 6.82 19.89
N PHE D 88 7.11 7.51 19.81
CA PHE D 88 7.34 8.48 18.74
C PHE D 88 7.19 7.83 17.37
N ASN D 89 7.81 6.65 17.21
CA ASN D 89 7.79 5.98 15.91
C ASN D 89 6.38 5.55 15.52
N THR D 90 5.62 5.01 16.47
CA THR D 90 4.24 4.65 16.19
C THR D 90 3.41 5.89 15.87
N MET D 91 3.70 7.01 16.53
CA MET D 91 3.01 8.25 16.23
C MET D 91 3.23 8.66 14.78
N PHE D 92 4.48 8.59 14.32
CA PHE D 92 4.76 8.94 12.92
C PHE D 92 4.12 7.93 11.97
N THR D 93 4.18 6.64 12.31
CA THR D 93 3.68 5.61 11.40
C THR D 93 2.16 5.62 11.30
N ASN D 94 1.46 6.04 12.36
CA ASN D 94 0.01 6.16 12.27
C ASN D 94 -0.38 7.18 11.20
N CYS D 95 0.30 8.32 11.17
CA CYS D 95 0.06 9.29 10.11
C CYS D 95 0.48 8.73 8.76
N TYR D 96 1.56 7.95 8.71
CA TYR D 96 1.99 7.38 7.44
C TYR D 96 0.96 6.39 6.89
N ILE D 97 0.29 5.65 7.78
CA ILE D 97 -0.64 4.62 7.33
C ILE D 97 -2.01 5.20 7.03
N TYR D 98 -2.49 6.13 7.86
CA TYR D 98 -3.87 6.59 7.72
C TYR D 98 -4.05 7.49 6.50
N ASN D 99 -3.14 8.43 6.28
CA ASN D 99 -3.31 9.44 5.26
C ASN D 99 -2.69 8.99 3.93
N LYS D 100 -3.10 9.66 2.86
CA LYS D 100 -2.59 9.36 1.54
C LYS D 100 -1.16 9.85 1.39
N PRO D 101 -0.33 9.15 0.61
CA PRO D 101 1.04 9.63 0.38
C PRO D 101 1.02 10.88 -0.50
N GLY D 102 1.88 11.84 -0.15
CA GLY D 102 1.87 13.13 -0.80
C GLY D 102 1.00 14.18 -0.13
N ASP D 103 0.20 13.79 0.86
CA ASP D 103 -0.55 14.76 1.64
C ASP D 103 0.39 15.65 2.44
N ASP D 104 -0.11 16.82 2.82
CA ASP D 104 0.70 17.76 3.59
C ASP D 104 1.11 17.18 4.94
N ILE D 105 0.16 16.53 5.62
CA ILE D 105 0.44 15.95 6.93
C ILE D 105 1.55 14.90 6.83
N VAL D 106 1.68 14.25 5.68
CA VAL D 106 2.72 13.24 5.52
C VAL D 106 4.10 13.89 5.51
N LEU D 107 4.27 14.97 4.75
CA LEU D 107 5.56 15.64 4.76
C LEU D 107 5.83 16.29 6.11
N MET D 108 4.78 16.78 6.80
CA MET D 108 4.97 17.32 8.13
C MET D 108 5.54 16.26 9.07
N ALA D 109 4.89 15.09 9.13
CA ALA D 109 5.37 14.00 9.97
C ALA D 109 6.77 13.54 9.56
N GLU D 110 7.08 13.57 8.25
CA GLU D 110 8.39 13.14 7.80
C GLU D 110 9.48 14.10 8.26
N ALA D 111 9.23 15.40 8.17
CA ALA D 111 10.19 16.38 8.68
C ALA D 111 10.38 16.22 10.18
N LEU D 112 9.27 16.03 10.91
CA LEU D 112 9.36 15.80 12.35
C LEU D 112 10.21 14.57 12.66
N GLU D 113 10.03 13.49 11.90
CA GLU D 113 10.77 12.26 12.15
C GLU D 113 12.26 12.44 11.82
N LYS D 114 12.57 13.18 10.77
CA LYS D 114 13.97 13.46 10.44
C LYS D 114 14.65 14.22 11.57
N LEU D 115 13.98 15.26 12.08
CA LEU D 115 14.49 15.98 13.25
C LEU D 115 14.67 15.03 14.43
N PHE D 116 13.70 14.15 14.64
CA PHE D 116 13.76 13.19 15.75
C PHE D 116 14.97 12.26 15.63
N LEU D 117 15.32 11.87 14.40
CA LEU D 117 16.47 10.98 14.20
C LEU D 117 17.79 11.71 14.40
N GLN D 118 17.88 12.98 14.01
CA GLN D 118 19.07 13.73 14.41
C GLN D 118 19.16 13.82 15.94
N LYS D 119 18.03 14.09 16.60
CA LYS D 119 18.04 14.26 18.04
C LYS D 119 18.40 12.98 18.79
N ILE D 120 18.02 11.80 18.27
CA ILE D 120 18.54 10.56 18.86
C ILE D 120 20.04 10.45 18.63
N ASN D 121 20.51 10.79 17.42
CA ASN D 121 21.95 10.67 17.27
C ASN D 121 22.70 11.57 18.23
N GLU D 122 22.01 12.53 18.85
CA GLU D 122 22.55 13.19 20.03
C GLU D 122 22.03 12.58 21.36
N LEU D 123 21.59 11.31 21.37
CA LEU D 123 21.14 10.68 22.61
C LEU D 123 22.31 10.16 23.42
N PRO D 124 22.23 10.20 24.75
CA PRO D 124 23.30 9.65 25.59
C PRO D 124 23.49 8.15 25.37
N THR D 125 24.75 7.73 25.39
CA THR D 125 25.08 6.34 25.09
C THR D 125 24.79 5.42 26.27
N GLU D 126 25.10 5.86 27.49
CA GLU D 126 24.91 5.04 28.67
C GLU D 126 23.56 5.31 29.32
N GLU D 127 23.02 4.29 29.98
CA GLU D 127 21.71 4.37 30.63
C GLU D 127 21.91 4.48 32.13
N THR D 128 21.74 5.70 32.66
CA THR D 128 21.71 5.90 34.10
C THR D 128 20.29 5.78 34.61
N GLU D 129 20.10 4.91 35.60
CA GLU D 129 18.87 4.84 36.36
C GLU D 129 18.89 5.89 37.45
N ILE D 130 17.77 6.58 37.63
CA ILE D 130 17.65 7.65 38.62
C ILE D 130 16.48 7.41 39.55
N MET D 131 15.34 6.97 39.01
CA MET D 131 14.16 6.80 39.85
C MET D 131 13.39 5.55 39.49
N ILE D 132 13.12 4.72 40.49
CA ILE D 132 12.25 3.56 40.32
C ILE D 132 11.25 3.58 41.47
N VAL D 133 9.98 3.38 41.14
CA VAL D 133 8.95 3.29 42.17
C VAL D 133 8.18 2.02 41.86
N GLN D 134 8.28 1.05 42.77
CA GLN D 134 7.61 -0.23 42.56
C GLN D 134 6.11 -0.03 42.39
N ALA D 135 5.48 -1.00 41.72
CA ALA D 135 4.06 -0.92 41.47
C ALA D 135 3.27 -0.92 42.77
N LYS D 136 2.30 -0.02 42.86
CA LYS D 136 1.44 0.06 44.04
C LYS D 136 0.34 -0.98 44.00
OH ALY E 1 17.24 -5.35 8.29
CH ALY E 1 17.28 -6.58 8.45
CH3 ALY E 1 16.11 -7.34 9.01
NZ ALY E 1 18.41 -7.33 8.11
CE ALY E 1 19.61 -6.76 7.57
CD ALY E 1 19.65 -6.65 6.05
CG ALY E 1 20.95 -5.99 5.63
CB ALY E 1 21.08 -5.95 4.12
CA ALY E 1 22.52 -6.25 3.68
N ALY E 1 23.40 -5.09 3.65
C ALY E 1 22.47 -6.88 2.30
O ALY E 1 22.33 -6.23 1.26
N PRO E 2 22.57 -8.22 2.27
CA PRO E 2 22.58 -8.95 1.00
C PRO E 2 21.18 -9.11 0.40
N SER E 3 21.12 -9.68 -0.81
CA SER E 3 19.85 -9.86 -1.53
C SER E 3 19.27 -11.21 -1.14
N PHE E 4 18.33 -11.19 -0.20
CA PHE E 4 17.74 -12.44 0.27
C PHE E 4 16.74 -13.02 -0.73
N TYR E 5 15.88 -12.18 -1.29
CA TYR E 5 14.81 -12.69 -2.16
C TYR E 5 15.38 -13.24 -3.46
N VAL E 6 16.28 -12.50 -4.10
CA VAL E 6 16.87 -12.96 -5.36
C VAL E 6 17.62 -14.27 -5.14
N TYR E 7 18.32 -14.40 -4.01
CA TYR E 7 18.93 -15.66 -3.64
C TYR E 7 17.87 -16.75 -3.49
N SER E 8 16.71 -16.39 -2.92
CA SER E 8 15.65 -17.37 -2.71
C SER E 8 15.07 -17.86 -4.03
N ARG E 9 15.18 -17.06 -5.10
CA ARG E 9 14.50 -17.32 -6.36
C ARG E 9 15.38 -18.03 -7.38
N VAL E 10 16.69 -17.82 -7.36
CA VAL E 10 17.57 -18.44 -8.33
C VAL E 10 17.98 -19.84 -7.89
OH ALY E 11 22.20 -24.95 -0.69
CH ALY E 11 22.00 -23.80 -0.22
CH3 ALY E 11 22.77 -23.32 0.99
NZ ALY E 11 21.09 -22.94 -0.78
CE ALY E 11 20.30 -23.27 -1.93
CD ALY E 11 19.54 -22.08 -2.54
CG ALY E 11 19.14 -22.44 -3.95
CB ALY E 11 18.14 -21.44 -4.50
CA ALY E 11 18.16 -21.41 -6.04
N ALY E 11 17.74 -20.15 -6.61
C ALY E 11 17.29 -22.56 -6.52
O ALY E 11 17.70 -23.45 -7.28
N ASN E 12 16.05 -22.54 -6.05
CA ASN E 12 15.05 -23.57 -6.36
C ASN E 12 15.56 -24.97 -6.03
OH ALY F 1 14.54 -30.29 -18.82
CH ALY F 1 13.51 -29.77 -19.28
CH3 ALY F 1 12.81 -30.36 -20.49
NZ ALY F 1 12.95 -28.64 -18.72
CE ALY F 1 13.49 -27.96 -17.57
CD ALY F 1 12.84 -28.34 -16.24
CG ALY F 1 11.97 -27.20 -15.76
CB ALY F 1 10.59 -27.69 -15.37
CA ALY F 1 10.64 -28.75 -14.26
N ALY F 1 9.62 -29.77 -14.34
C ALY F 1 10.54 -28.03 -12.91
O ALY F 1 9.52 -27.47 -12.54
N PRO F 2 11.65 -28.06 -12.16
CA PRO F 2 11.73 -27.47 -10.82
C PRO F 2 11.44 -25.98 -10.80
N SER F 3 12.06 -25.23 -11.73
CA SER F 3 11.85 -23.79 -11.82
C SER F 3 10.49 -23.42 -12.39
N PHE F 4 9.56 -24.36 -12.50
CA PHE F 4 8.20 -24.07 -12.92
C PHE F 4 7.20 -24.06 -11.77
N TYR F 5 7.41 -24.91 -10.76
CA TYR F 5 6.49 -24.95 -9.63
C TYR F 5 6.53 -23.65 -8.84
N VAL F 6 7.71 -23.05 -8.73
CA VAL F 6 7.84 -21.68 -8.24
C VAL F 6 6.86 -20.74 -8.94
N TYR F 7 6.65 -20.92 -10.25
CA TYR F 7 5.64 -20.13 -10.92
C TYR F 7 4.24 -20.53 -10.46
N SER F 8 3.99 -21.84 -10.32
CA SER F 8 2.67 -22.31 -9.95
C SER F 8 2.33 -22.05 -8.48
N ARG F 9 3.33 -21.73 -7.66
CA ARG F 9 3.07 -21.48 -6.25
C ARG F 9 2.43 -20.11 -6.04
N VAL F 10 3.02 -19.07 -6.63
CA VAL F 10 2.52 -17.71 -6.43
C VAL F 10 1.37 -17.41 -7.39
OH ALY F 11 -1.91 -12.92 -11.71
CH ALY F 11 -0.98 -13.36 -12.41
CH3 ALY F 11 0.08 -12.44 -12.98
NZ ALY F 11 -0.87 -14.70 -12.71
CE ALY F 11 -1.79 -15.71 -12.26
CD ALY F 11 -1.67 -16.04 -10.76
CG ALY F 11 -1.76 -17.54 -10.57
CB ALY F 11 -0.51 -18.09 -9.90
CA ALY F 11 -0.71 -18.22 -8.38
N ALY F 11 0.51 -18.40 -7.61
C ALY F 11 -1.59 -19.43 -8.11
O ALY F 11 -1.97 -20.22 -8.97
N ASN F 12 -1.92 -19.57 -6.84
CA ASN F 12 -2.76 -20.68 -6.38
C ASN F 12 -4.18 -20.54 -6.90
#